data_7CYV
#
_entry.id   7CYV
#
_cell.length_a   206.958
_cell.length_b   57.925
_cell.length_c   47.207
_cell.angle_alpha   90.000
_cell.angle_beta   100.433
_cell.angle_gamma   90.000
#
_symmetry.space_group_name_H-M   'C 1 2 1'
#
loop_
_entity.id
_entity.type
_entity.pdbx_description
1 polymer 'The heavy chain variable region of the scFv FD20,The light chain variable region of the scFv FD20'
2 polymer 'Spike protein S1'
3 branched beta-D-mannopyranose-(1-4)-2-acetamido-2-deoxy-beta-D-glucopyranose-(1-4)-[alpha-L-fucopyranose-(1-3)][alpha-L-fucopyranose-(1-6)]2-acetamido-2-deoxy-beta-D-glucopyranose
#
loop_
_entity_poly.entity_id
_entity_poly.type
_entity_poly.pdbx_seq_one_letter_code
_entity_poly.pdbx_strand_id
1 'polypeptide(L)'
;GSSSQQVQLQQSGAEVKKPGSSVKVSCKASGGTFSSYAFSWVRQAPGQGLEWMGRIIPILGIANYAQKFQGRVTITADIS
TSTAYMALSSLRSEDTAVYYCAKVEVNIGMDDYYYYYGMDVWGQGTTVTVSSGGGSGGGGSGGGGSSYVLTQPPSVSVSP
GQTARITCSGDALPKQYAYWYQQKPGQAPVLVIYKDSERPSGIPERFSGSSSGTTVTLTISGVQAEDEADYYCQSADSSG
TYVVFGGGTKLTVLSAGRAGEQKLISEEDLNSAVDHHHHHH
;
H
2 'polypeptide(L)'
;AGSPNITNLCPFGEVFNA(TPO)RFASVYAWNRKRISNCVADYSVLYNSASFSTFKCYGVSPTKLNDLCFTNVYADSFVI
RGDEVRQIAPGQTGKIADYNYKLPDDFTGCVIAWNSNNLDSKVGGNYNYLYRLFRKSNLKPFERDISTEIYQAGSTPCNG
VEGFNCYFPLQSYGFQPTNGVGYQPYRVVVLSFELLHAPATVCGPKKSTGTLEVLFQ
;
B
#
loop_
_chem_comp.id
_chem_comp.type
_chem_comp.name
_chem_comp.formula
BMA D-saccharide, beta linking beta-D-mannopyranose 'C6 H12 O6'
FUC L-saccharide, alpha linking alpha-L-fucopyranose 'C6 H12 O5'
NAG D-saccharide, beta linking 2-acetamido-2-deoxy-beta-D-glucopyranose 'C8 H15 N O6'
#
# COMPACT_ATOMS: atom_id res chain seq x y z
N GLN A 6 5.29 -20.36 -4.03
CA GLN A 6 5.54 -21.33 -2.97
C GLN A 6 6.93 -21.15 -2.40
N VAL A 7 7.05 -20.29 -1.38
CA VAL A 7 8.32 -19.96 -0.75
C VAL A 7 8.20 -20.17 0.75
N GLN A 8 9.21 -20.79 1.35
CA GLN A 8 9.24 -21.08 2.78
C GLN A 8 10.28 -20.22 3.48
N LEU A 9 10.07 -20.04 4.79
CA LEU A 9 10.99 -19.29 5.64
C LEU A 9 11.32 -20.12 6.87
N GLN A 10 12.62 -20.30 7.14
CA GLN A 10 13.10 -21.00 8.32
C GLN A 10 13.92 -20.02 9.16
N GLN A 11 13.30 -19.45 10.19
CA GLN A 11 14.03 -18.55 11.08
C GLN A 11 15.01 -19.33 11.95
N SER A 12 15.92 -18.59 12.58
CA SER A 12 16.98 -19.19 13.37
C SER A 12 16.44 -19.70 14.70
N GLY A 13 17.30 -20.41 15.44
CA GLY A 13 16.89 -21.07 16.66
C GLY A 13 16.67 -20.10 17.81
N ALA A 14 16.15 -20.67 18.91
CA ALA A 14 15.81 -19.88 20.08
C ALA A 14 17.04 -19.30 20.77
N GLU A 15 16.85 -18.16 21.42
CA GLU A 15 17.93 -17.42 22.05
C GLU A 15 17.52 -17.02 23.47
N VAL A 16 18.52 -16.85 24.34
CA VAL A 16 18.31 -16.35 25.69
C VAL A 16 19.36 -15.28 25.98
N LYS A 17 18.92 -14.20 26.62
CA LYS A 17 19.82 -13.08 26.91
C LYS A 17 19.38 -12.42 28.20
N LYS A 18 20.32 -11.69 28.81
CA LYS A 18 20.06 -10.91 30.01
C LYS A 18 19.68 -9.49 29.63
N PRO A 19 18.97 -8.78 30.51
CA PRO A 19 18.56 -7.40 30.18
C PRO A 19 19.75 -6.52 29.81
N GLY A 20 19.59 -5.75 28.75
CA GLY A 20 20.64 -4.92 28.21
C GLY A 20 21.45 -5.56 27.11
N SER A 21 21.19 -6.82 26.77
CA SER A 21 21.92 -7.51 25.72
C SER A 21 21.32 -7.18 24.36
N SER A 22 21.78 -7.86 23.31
CA SER A 22 21.31 -7.66 21.96
C SER A 22 21.12 -9.01 21.29
N VAL A 23 20.01 -9.16 20.56
CA VAL A 23 19.67 -10.41 19.89
C VAL A 23 19.55 -10.16 18.40
N LYS A 24 20.12 -11.06 17.61
CA LYS A 24 19.99 -11.06 16.16
C LYS A 24 19.19 -12.28 15.74
N VAL A 25 18.10 -12.06 14.99
CA VAL A 25 17.27 -13.12 14.47
C VAL A 25 17.30 -13.07 12.95
N SER A 26 17.46 -14.23 12.33
CA SER A 26 17.66 -14.31 10.89
C SER A 26 16.74 -15.38 10.31
N CYS A 27 15.94 -15.00 9.31
CA CYS A 27 15.04 -15.92 8.63
C CYS A 27 15.49 -16.04 7.18
N LYS A 28 16.05 -17.19 6.85
CA LYS A 28 16.35 -17.47 5.45
C LYS A 28 15.07 -17.76 4.69
N ALA A 29 14.96 -17.20 3.49
CA ALA A 29 13.81 -17.39 2.62
C ALA A 29 14.25 -18.18 1.40
N SER A 30 13.72 -19.39 1.24
CA SER A 30 14.10 -20.29 0.15
C SER A 30 12.96 -20.43 -0.83
N GLY A 31 13.30 -20.40 -2.11
CA GLY A 31 12.30 -20.40 -3.17
C GLY A 31 12.01 -19.00 -3.67
N GLY A 32 11.56 -18.92 -4.92
CA GLY A 32 11.30 -17.61 -5.50
C GLY A 32 12.59 -16.82 -5.73
N THR A 33 12.42 -15.51 -5.85
CA THR A 33 13.54 -14.59 -6.06
C THR A 33 13.51 -13.53 -4.97
N PHE A 34 14.62 -13.41 -4.24
CA PHE A 34 14.65 -12.58 -3.03
C PHE A 34 14.42 -11.11 -3.35
N SER A 35 15.03 -10.60 -4.42
CA SER A 35 14.90 -9.19 -4.74
C SER A 35 13.45 -8.79 -5.03
N SER A 36 12.58 -9.75 -5.35
CA SER A 36 11.19 -9.44 -5.64
C SER A 36 10.38 -9.18 -4.36
N TYR A 37 10.80 -9.74 -3.23
CA TYR A 37 10.00 -9.74 -2.02
C TYR A 37 10.43 -8.63 -1.06
N ALA A 38 9.57 -8.37 -0.09
CA ALA A 38 9.85 -7.47 1.02
C ALA A 38 9.45 -8.17 2.31
N PHE A 39 10.14 -7.85 3.41
CA PHE A 39 9.98 -8.58 4.65
C PHE A 39 9.67 -7.63 5.80
N SER A 40 8.96 -8.16 6.79
CA SER A 40 8.56 -7.41 7.97
C SER A 40 8.64 -8.34 9.17
N TRP A 41 8.55 -7.75 10.36
CA TRP A 41 8.81 -8.46 11.60
C TRP A 41 7.72 -8.16 12.61
N VAL A 42 7.09 -9.20 13.14
CA VAL A 42 6.03 -9.11 14.13
C VAL A 42 6.44 -9.90 15.36
N ARG A 43 6.19 -9.32 16.53
CA ARG A 43 6.49 -9.98 17.80
C ARG A 43 5.18 -10.28 18.54
N GLN A 44 5.11 -11.47 19.11
CA GLN A 44 3.95 -11.94 19.85
C GLN A 44 4.32 -12.04 21.31
N ALA A 45 3.94 -11.04 22.08
CA ALA A 45 4.11 -11.10 23.52
C ALA A 45 3.41 -12.36 24.04
N PRO A 46 3.97 -13.05 25.04
CA PRO A 46 3.41 -14.35 25.46
C PRO A 46 2.00 -14.19 26.01
N GLY A 47 1.06 -14.83 25.32
CA GLY A 47 -0.33 -14.77 25.72
C GLY A 47 -1.06 -13.52 25.29
N GLN A 48 -0.44 -12.66 24.47
CA GLN A 48 -1.05 -11.41 24.05
C GLN A 48 -0.93 -11.27 22.54
N GLY A 49 -1.55 -10.21 22.02
CA GLY A 49 -1.74 -10.07 20.58
C GLY A 49 -0.45 -9.91 19.79
N LEU A 50 -0.65 -9.77 18.48
CA LEU A 50 0.46 -9.61 17.54
C LEU A 50 0.92 -8.16 17.51
N GLU A 51 2.22 -7.96 17.36
CA GLU A 51 2.81 -6.62 17.43
C GLU A 51 3.86 -6.45 16.34
N TRP A 52 3.69 -5.43 15.51
CA TRP A 52 4.57 -5.19 14.37
C TRP A 52 5.70 -4.26 14.75
N MET A 53 6.89 -4.56 14.23
CA MET A 53 8.11 -3.82 14.54
C MET A 53 8.62 -2.99 13.38
N GLY A 54 8.82 -3.60 12.22
CA GLY A 54 9.31 -2.86 11.06
C GLY A 54 9.30 -3.74 9.84
N ARG A 55 9.44 -3.10 8.68
CA ARG A 55 9.58 -3.82 7.42
C ARG A 55 10.79 -3.28 6.67
N ILE A 56 11.20 -4.01 5.63
CA ILE A 56 12.32 -3.61 4.79
C ILE A 56 12.05 -4.06 3.36
N ILE A 57 12.49 -3.24 2.40
CA ILE A 57 12.53 -3.62 0.99
C ILE A 57 14.00 -3.78 0.59
N PRO A 58 14.48 -5.01 0.41
CA PRO A 58 15.94 -5.20 0.26
C PRO A 58 16.52 -4.56 -0.98
N ILE A 59 15.85 -4.68 -2.14
CA ILE A 59 16.47 -4.23 -3.38
C ILE A 59 16.65 -2.71 -3.41
N LEU A 60 15.77 -1.96 -2.75
CA LEU A 60 15.98 -0.52 -2.58
C LEU A 60 16.63 -0.17 -1.24
N GLY A 61 16.79 -1.15 -0.35
CA GLY A 61 17.39 -0.86 0.95
C GLY A 61 16.61 0.14 1.77
N ILE A 62 15.29 0.08 1.72
CA ILE A 62 14.42 0.99 2.44
C ILE A 62 13.83 0.25 3.62
N ALA A 63 13.90 0.84 4.81
CA ALA A 63 13.38 0.20 6.02
C ALA A 63 12.82 1.27 6.94
N ASN A 64 11.70 0.95 7.58
CA ASN A 64 11.06 1.83 8.56
C ASN A 64 10.60 0.96 9.73
N TYR A 65 10.70 1.50 10.94
CA TYR A 65 10.39 0.76 12.14
C TYR A 65 9.29 1.47 12.92
N ALA A 66 8.59 0.69 13.75
CA ALA A 66 7.55 1.26 14.59
C ALA A 66 8.14 2.26 15.58
N GLN A 67 7.35 3.28 15.91
CA GLN A 67 7.85 4.38 16.73
C GLN A 67 8.14 3.98 18.18
N LYS A 68 7.54 2.90 18.69
CA LYS A 68 7.81 2.47 20.06
C LYS A 68 9.24 1.99 20.24
N PHE A 69 9.85 1.47 19.17
CA PHE A 69 11.25 1.08 19.18
C PHE A 69 12.02 2.21 18.49
N GLN A 70 12.47 3.17 19.29
CA GLN A 70 13.06 4.39 18.76
C GLN A 70 14.28 4.09 17.89
N GLY A 71 15.30 3.46 18.46
CA GLY A 71 16.46 3.09 17.70
C GLY A 71 16.98 1.73 18.13
N ARG A 72 16.24 1.06 19.00
CA ARG A 72 16.65 -0.25 19.49
C ARG A 72 16.71 -1.27 18.36
N VAL A 73 15.66 -1.32 17.54
CA VAL A 73 15.57 -2.31 16.47
C VAL A 73 16.14 -1.71 15.19
N THR A 74 16.89 -2.52 14.45
CA THR A 74 17.34 -2.19 13.11
C THR A 74 17.19 -3.43 12.23
N ILE A 75 16.52 -3.26 11.08
CA ILE A 75 16.28 -4.36 10.15
C ILE A 75 17.25 -4.24 8.98
N THR A 76 17.76 -5.38 8.53
CA THR A 76 18.56 -5.44 7.33
C THR A 76 18.36 -6.79 6.66
N ALA A 77 19.01 -6.97 5.51
CA ALA A 77 18.94 -8.22 4.77
C ALA A 77 20.15 -8.31 3.86
N ASP A 78 20.47 -9.55 3.47
CA ASP A 78 21.59 -9.81 2.57
C ASP A 78 21.04 -10.54 1.35
N ILE A 79 20.90 -9.80 0.24
CA ILE A 79 20.42 -10.40 -0.99
C ILE A 79 21.37 -11.48 -1.46
N SER A 80 22.67 -11.32 -1.18
CA SER A 80 23.65 -12.35 -1.53
C SER A 80 23.32 -13.67 -0.85
N THR A 81 22.95 -13.62 0.43
CA THR A 81 22.60 -14.81 1.19
C THR A 81 21.10 -15.10 1.19
N SER A 82 20.28 -14.16 0.70
CA SER A 82 18.83 -14.31 0.67
C SER A 82 18.26 -14.54 2.07
N THR A 83 18.75 -13.77 3.04
CA THR A 83 18.28 -13.82 4.42
C THR A 83 17.95 -12.41 4.90
N ALA A 84 17.09 -12.34 5.91
CA ALA A 84 16.68 -11.08 6.51
C ALA A 84 17.10 -11.07 7.97
N TYR A 85 17.72 -9.97 8.39
CA TYR A 85 18.22 -9.82 9.75
C TYR A 85 17.40 -8.77 10.47
N MET A 86 16.90 -9.11 11.65
CA MET A 86 16.31 -8.15 12.58
C MET A 86 17.08 -8.23 13.89
N ALA A 87 17.54 -7.07 14.37
CA ALA A 87 18.41 -6.99 15.53
C ALA A 87 17.83 -6.02 16.55
N LEU A 88 17.66 -6.49 17.78
CA LEU A 88 17.12 -5.68 18.87
C LEU A 88 18.21 -5.45 19.91
N SER A 89 18.22 -4.25 20.48
CA SER A 89 19.20 -3.86 21.48
C SER A 89 18.48 -3.29 22.69
N SER A 90 19.24 -3.12 23.77
CA SER A 90 18.72 -2.66 25.05
C SER A 90 17.55 -3.53 25.50
N LEU A 91 17.83 -4.83 25.59
CA LEU A 91 16.79 -5.81 25.90
C LEU A 91 16.21 -5.58 27.28
N ARG A 92 14.92 -5.89 27.42
CA ARG A 92 14.22 -5.80 28.70
C ARG A 92 13.26 -6.98 28.82
N SER A 93 12.72 -7.16 30.02
CA SER A 93 11.79 -8.27 30.24
C SER A 93 10.55 -8.15 29.37
N GLU A 94 10.05 -6.93 29.18
CA GLU A 94 8.88 -6.72 28.34
C GLU A 94 9.10 -7.21 26.92
N ASP A 95 10.37 -7.28 26.50
CA ASP A 95 10.70 -7.77 25.17
C ASP A 95 10.56 -9.28 25.04
N THR A 96 10.37 -9.99 26.15
CA THR A 96 10.12 -11.42 26.09
C THR A 96 8.90 -11.70 25.23
N ALA A 97 9.10 -12.45 24.15
CA ALA A 97 8.04 -12.71 23.19
C ALA A 97 8.55 -13.70 22.16
N VAL A 98 7.64 -14.20 21.34
CA VAL A 98 7.99 -14.90 20.12
C VAL A 98 8.07 -13.88 19.00
N TYR A 99 9.11 -13.97 18.17
CA TYR A 99 9.35 -13.04 17.08
C TYR A 99 9.14 -13.76 15.76
N TYR A 100 8.19 -13.28 14.96
CA TYR A 100 7.89 -13.85 13.66
C TYR A 100 8.49 -13.00 12.55
N CYS A 101 8.99 -13.67 11.52
CA CYS A 101 9.46 -13.03 10.30
C CYS A 101 8.57 -13.48 9.15
N ALA A 102 7.98 -12.51 8.44
CA ALA A 102 6.97 -12.82 7.44
C ALA A 102 7.21 -12.03 6.16
N LYS A 103 6.93 -12.67 5.03
CA LYS A 103 7.16 -12.09 3.72
C LYS A 103 6.01 -11.17 3.35
N VAL A 104 6.32 -9.92 3.04
CA VAL A 104 5.34 -8.94 2.61
C VAL A 104 5.33 -8.92 1.09
N GLU A 105 4.18 -9.18 0.49
CA GLU A 105 4.04 -9.11 -0.96
C GLU A 105 3.99 -7.66 -1.39
N VAL A 106 4.94 -7.23 -2.22
CA VAL A 106 5.18 -5.81 -2.49
C VAL A 106 5.08 -5.55 -3.98
N ASN A 107 5.07 -4.26 -4.32
CA ASN A 107 5.12 -3.77 -5.70
C ASN A 107 6.19 -2.69 -5.78
N ILE A 108 7.21 -2.90 -6.60
CA ILE A 108 8.31 -1.96 -6.75
C ILE A 108 8.36 -1.49 -8.19
N GLY A 109 8.38 -0.17 -8.37
CA GLY A 109 8.39 0.41 -9.69
C GLY A 109 9.78 0.81 -10.15
N MET A 110 9.93 0.99 -11.46
CA MET A 110 11.20 1.44 -12.02
C MET A 110 11.41 2.93 -11.80
N ASP A 111 10.34 3.68 -11.62
CA ASP A 111 10.43 4.98 -10.99
C ASP A 111 10.17 4.82 -9.49
N ASP A 112 10.52 5.83 -8.72
CA ASP A 112 10.53 5.70 -7.27
C ASP A 112 9.12 5.53 -6.69
N TYR A 113 8.45 4.43 -7.04
CA TYR A 113 7.15 4.09 -6.50
C TYR A 113 7.20 2.68 -5.91
N TYR A 114 6.64 2.52 -4.71
CA TYR A 114 6.48 1.20 -4.11
C TYR A 114 5.25 1.21 -3.23
N TYR A 115 4.47 0.12 -3.30
CA TYR A 115 3.29 -0.05 -2.47
C TYR A 115 3.39 -1.39 -1.77
N TYR A 116 3.06 -1.41 -0.47
CA TYR A 116 3.55 -2.47 0.40
C TYR A 116 2.64 -3.70 0.47
N TYR A 117 1.33 -3.53 0.51
CA TYR A 117 0.36 -4.65 0.65
C TYR A 117 0.62 -5.35 1.99
N GLY A 118 0.44 -6.69 2.06
CA GLY A 118 0.34 -7.36 3.34
C GLY A 118 1.04 -8.71 3.34
N MET A 119 1.20 -9.24 4.57
CA MET A 119 2.09 -10.37 4.84
C MET A 119 1.37 -11.68 4.55
N ASP A 120 1.87 -12.44 3.59
CA ASP A 120 1.21 -13.68 3.18
C ASP A 120 1.90 -14.94 3.69
N VAL A 121 3.21 -14.91 3.91
CA VAL A 121 3.97 -16.11 4.27
C VAL A 121 4.75 -15.81 5.55
N TRP A 122 4.56 -16.65 6.56
CA TRP A 122 5.18 -16.47 7.87
C TRP A 122 6.21 -17.56 8.14
N GLY A 123 7.18 -17.24 8.99
CA GLY A 123 8.17 -18.21 9.40
C GLY A 123 7.66 -19.08 10.53
N GLN A 124 8.45 -20.12 10.85
CA GLN A 124 8.08 -21.00 11.95
C GLN A 124 7.98 -20.24 13.26
N GLY A 125 8.93 -19.34 13.52
CA GLY A 125 8.92 -18.56 14.73
C GLY A 125 10.22 -18.65 15.49
N THR A 126 10.51 -17.64 16.31
CA THR A 126 11.72 -17.64 17.14
C THR A 126 11.34 -17.08 18.51
N THR A 127 11.53 -17.89 19.54
CA THR A 127 11.18 -17.51 20.90
C THR A 127 12.43 -17.02 21.62
N VAL A 128 12.36 -15.81 22.16
CA VAL A 128 13.50 -15.15 22.80
C VAL A 128 13.06 -14.72 24.20
N THR A 129 13.80 -15.18 25.21
CA THR A 129 13.44 -14.95 26.61
C THR A 129 14.54 -14.14 27.29
N VAL A 130 14.12 -13.21 28.15
CA VAL A 130 15.02 -12.35 28.91
C VAL A 130 14.33 -11.92 30.19
N SER A 131 15.03 -12.05 31.32
CA SER A 131 14.45 -11.68 32.60
C SER A 131 15.57 -11.52 33.63
N SER A 132 15.36 -10.58 34.56
CA SER A 132 16.24 -10.38 35.70
C SER A 132 15.58 -9.44 36.70
N SER A 147 -0.40 5.64 18.30
CA SER A 147 -1.44 6.60 18.67
C SER A 147 -2.68 6.39 17.81
N TYR A 148 -2.53 5.52 16.81
CA TYR A 148 -3.63 5.09 15.95
C TYR A 148 -3.87 3.61 16.20
N VAL A 149 -5.14 3.23 16.38
CA VAL A 149 -5.47 1.84 16.74
C VAL A 149 -6.67 1.38 15.93
N LEU A 150 -6.64 0.10 15.55
CA LEU A 150 -7.79 -0.61 15.03
C LEU A 150 -8.57 -1.18 16.20
N THR A 151 -9.85 -0.85 16.28
CA THR A 151 -10.71 -1.35 17.35
C THR A 151 -11.47 -2.58 16.86
N GLN A 152 -11.15 -3.73 17.45
CA GLN A 152 -11.62 -5.05 17.07
C GLN A 152 -12.42 -5.61 18.24
N PRO A 153 -13.60 -6.16 18.01
CA PRO A 153 -14.38 -6.74 19.11
C PRO A 153 -13.63 -7.90 19.75
N PRO A 154 -13.51 -7.92 21.08
CA PRO A 154 -12.62 -8.89 21.73
C PRO A 154 -12.98 -10.34 21.46
N SER A 155 -14.27 -10.67 21.43
CA SER A 155 -14.67 -12.05 21.20
C SER A 155 -16.10 -12.09 20.71
N VAL A 156 -16.34 -12.93 19.71
CA VAL A 156 -17.68 -13.24 19.23
C VAL A 156 -17.83 -14.76 19.17
N SER A 157 -18.99 -15.23 19.59
CA SER A 157 -19.34 -16.65 19.51
C SER A 157 -20.52 -16.82 18.58
N VAL A 158 -20.53 -17.96 17.88
CA VAL A 158 -21.53 -18.23 16.87
C VAL A 158 -21.80 -19.72 16.83
N SER A 159 -23.04 -20.09 16.41
CA SER A 159 -23.56 -21.45 16.38
C SER A 159 -22.95 -22.24 15.22
N PRO A 160 -22.85 -23.56 15.36
CA PRO A 160 -21.97 -24.34 14.46
C PRO A 160 -22.47 -24.42 13.03
N GLY A 161 -23.66 -23.95 12.72
CA GLY A 161 -24.12 -24.00 11.34
C GLY A 161 -24.22 -22.62 10.74
N GLN A 162 -24.03 -21.61 11.57
CA GLN A 162 -24.41 -20.24 11.24
C GLN A 162 -23.25 -19.53 10.55
N THR A 163 -23.29 -18.20 10.54
CA THR A 163 -22.28 -17.34 9.95
C THR A 163 -21.87 -16.28 10.96
N ALA A 164 -20.57 -16.02 11.04
CA ALA A 164 -20.03 -15.04 11.99
C ALA A 164 -19.46 -13.84 11.25
N ARG A 165 -19.68 -12.64 11.82
CA ARG A 165 -19.20 -11.39 11.25
C ARG A 165 -18.34 -10.68 12.29
N ILE A 166 -17.08 -10.44 11.94
CA ILE A 166 -16.12 -9.78 12.82
C ILE A 166 -15.74 -8.44 12.19
N THR A 167 -15.89 -7.37 12.95
CA THR A 167 -15.62 -6.03 12.46
C THR A 167 -14.20 -5.59 12.82
N CYS A 168 -13.80 -4.45 12.26
CA CYS A 168 -12.50 -3.86 12.49
C CYS A 168 -12.61 -2.41 12.03
N SER A 169 -12.35 -1.47 12.94
CA SER A 169 -12.73 -0.07 12.71
C SER A 169 -11.61 0.88 13.11
N GLY A 170 -11.01 1.54 12.12
CA GLY A 170 -10.16 2.67 12.36
C GLY A 170 -10.47 3.76 11.36
N ASP A 171 -10.04 4.98 11.69
CA ASP A 171 -10.37 6.14 10.89
C ASP A 171 -9.49 6.28 9.66
N ALA A 172 -8.62 5.32 9.37
CA ALA A 172 -7.72 5.38 8.22
C ALA A 172 -8.06 4.34 7.16
N LEU A 173 -9.18 3.64 7.31
CA LEU A 173 -9.50 2.50 6.47
C LEU A 173 -9.97 2.83 5.05
N PRO A 174 -10.53 4.02 4.76
CA PRO A 174 -10.67 4.39 3.34
C PRO A 174 -9.34 4.65 2.68
N LYS A 175 -8.33 5.09 3.43
CA LYS A 175 -7.03 5.39 2.84
C LYS A 175 -6.18 4.14 2.63
N GLN A 176 -6.25 3.16 3.54
CA GLN A 176 -5.40 1.98 3.48
C GLN A 176 -6.22 0.70 3.42
N TYR A 177 -5.58 -0.35 2.91
CA TYR A 177 -6.18 -1.67 2.86
C TYR A 177 -6.19 -2.32 4.24
N ALA A 178 -6.87 -3.47 4.32
CA ALA A 178 -6.89 -4.29 5.52
C ALA A 178 -6.59 -5.74 5.17
N TYR A 179 -5.98 -6.45 6.11
CA TYR A 179 -5.63 -7.85 5.94
C TYR A 179 -5.96 -8.61 7.22
N TRP A 180 -6.31 -9.88 7.06
CA TRP A 180 -6.72 -10.73 8.19
C TRP A 180 -5.82 -11.95 8.27
N TYR A 181 -5.36 -12.28 9.48
CA TYR A 181 -4.53 -13.43 9.74
C TYR A 181 -5.18 -14.32 10.79
N GLN A 182 -5.14 -15.63 10.56
CA GLN A 182 -5.75 -16.62 11.44
C GLN A 182 -4.64 -17.25 12.27
N GLN A 183 -4.66 -17.01 13.58
CA GLN A 183 -3.70 -17.61 14.49
C GLN A 183 -4.41 -18.65 15.35
N LYS A 184 -4.26 -19.91 14.98
CA LYS A 184 -4.66 -21.00 15.85
C LYS A 184 -3.67 -21.09 17.01
N PRO A 185 -4.09 -21.63 18.15
CA PRO A 185 -3.19 -21.67 19.32
C PRO A 185 -1.98 -22.56 19.07
N GLY A 186 -0.81 -22.04 19.46
CA GLY A 186 0.43 -22.75 19.21
C GLY A 186 0.81 -22.78 17.75
N GLN A 187 0.45 -21.76 16.98
CA GLN A 187 0.64 -21.73 15.54
C GLN A 187 1.06 -20.34 15.08
N ALA A 188 1.79 -20.31 13.97
CA ALA A 188 2.07 -19.04 13.31
C ALA A 188 0.81 -18.55 12.61
N PRO A 189 0.66 -17.24 12.46
CA PRO A 189 -0.54 -16.72 11.79
C PRO A 189 -0.59 -17.13 10.33
N VAL A 190 -1.80 -17.18 9.80
CA VAL A 190 -2.04 -17.55 8.40
C VAL A 190 -2.96 -16.50 7.80
N LEU A 191 -2.53 -15.90 6.68
CA LEU A 191 -3.36 -14.93 5.99
C LEU A 191 -4.50 -15.64 5.27
N VAL A 192 -5.72 -15.24 5.55
CA VAL A 192 -6.89 -15.82 4.92
C VAL A 192 -7.69 -14.82 4.09
N ILE A 193 -7.48 -13.52 4.29
CA ILE A 193 -8.19 -12.48 3.54
C ILE A 193 -7.23 -11.31 3.36
N TYR A 194 -7.09 -10.82 2.13
CA TYR A 194 -6.15 -9.73 1.87
C TYR A 194 -6.82 -8.66 1.01
N LYS A 195 -6.14 -7.50 0.97
CA LYS A 195 -6.54 -6.34 0.18
C LYS A 195 -8.03 -6.02 0.37
N ASP A 196 -8.43 -5.88 1.64
CA ASP A 196 -9.79 -5.57 2.07
C ASP A 196 -10.74 -6.75 1.85
N SER A 197 -10.73 -7.35 0.67
CA SER A 197 -11.69 -8.41 0.37
C SER A 197 -11.24 -9.28 -0.80
N GLU A 198 -10.14 -10.02 -0.63
CA GLU A 198 -9.62 -10.88 -1.68
C GLU A 198 -9.39 -12.30 -1.15
N ARG A 199 -9.41 -13.25 -2.07
CA ARG A 199 -9.41 -14.67 -1.70
C ARG A 199 -8.09 -15.34 -2.08
N PRO A 200 -7.27 -15.73 -1.11
CA PRO A 200 -6.04 -16.46 -1.42
C PRO A 200 -6.34 -17.86 -1.92
N SER A 201 -5.35 -18.42 -2.61
CA SER A 201 -5.54 -19.72 -3.24
C SER A 201 -5.79 -20.80 -2.21
N GLY A 202 -5.21 -20.67 -1.02
CA GLY A 202 -5.31 -21.69 0.01
C GLY A 202 -6.61 -21.66 0.78
N ILE A 203 -6.96 -20.49 1.33
CA ILE A 203 -8.13 -20.38 2.21
C ILE A 203 -9.38 -20.76 1.43
N PRO A 204 -10.32 -21.48 2.03
CA PRO A 204 -11.48 -21.97 1.28
C PRO A 204 -12.52 -20.88 1.02
N GLU A 205 -13.45 -21.22 0.11
CA GLU A 205 -14.42 -20.26 -0.40
C GLU A 205 -15.26 -19.62 0.70
N ARG A 206 -15.39 -20.27 1.86
CA ARG A 206 -16.28 -19.77 2.89
C ARG A 206 -15.83 -18.41 3.42
N PHE A 207 -14.52 -18.14 3.39
CA PHE A 207 -14.02 -16.87 3.89
C PHE A 207 -14.29 -15.76 2.88
N SER A 208 -14.85 -14.66 3.37
CA SER A 208 -15.19 -13.52 2.54
C SER A 208 -14.95 -12.23 3.32
N GLY A 209 -14.64 -11.15 2.60
CA GLY A 209 -14.41 -9.87 3.21
C GLY A 209 -15.22 -8.79 2.52
N SER A 210 -15.33 -7.65 3.21
CA SER A 210 -16.09 -6.52 2.70
C SER A 210 -15.72 -5.28 3.50
N SER A 211 -15.68 -4.14 2.81
CA SER A 211 -15.35 -2.86 3.41
C SER A 211 -16.42 -1.84 3.05
N SER A 212 -16.89 -1.09 4.05
CA SER A 212 -17.84 -0.01 3.85
C SER A 212 -17.43 1.15 4.75
N GLY A 213 -17.08 2.27 4.15
CA GLY A 213 -16.64 3.43 4.93
C GLY A 213 -15.39 3.09 5.73
N THR A 214 -15.44 3.41 7.02
CA THR A 214 -14.37 3.08 7.95
C THR A 214 -14.67 1.79 8.72
N THR A 215 -15.38 0.85 8.09
CA THR A 215 -15.72 -0.43 8.69
C THR A 215 -15.36 -1.54 7.72
N VAL A 216 -14.66 -2.56 8.23
CA VAL A 216 -14.38 -3.79 7.48
C VAL A 216 -14.90 -4.96 8.28
N THR A 217 -15.43 -5.97 7.58
CA THR A 217 -15.93 -7.19 8.20
C THR A 217 -15.36 -8.42 7.51
N LEU A 218 -15.07 -9.43 8.32
CA LEU A 218 -14.70 -10.76 7.83
C LEU A 218 -15.92 -11.67 7.94
N THR A 219 -16.20 -12.42 6.88
CA THR A 219 -17.40 -13.23 6.78
C THR A 219 -17.03 -14.69 6.56
N ILE A 220 -17.59 -15.57 7.38
CA ILE A 220 -17.35 -17.02 7.30
C ILE A 220 -18.71 -17.69 7.11
N SER A 221 -18.87 -18.39 5.99
CA SER A 221 -20.14 -18.99 5.60
C SER A 221 -20.23 -20.42 6.13
N GLY A 222 -21.28 -20.70 6.89
CA GLY A 222 -21.45 -21.99 7.53
C GLY A 222 -20.22 -22.39 8.32
N VAL A 223 -19.91 -21.59 9.35
CA VAL A 223 -18.65 -21.75 10.06
C VAL A 223 -18.54 -23.16 10.62
N GLN A 224 -17.35 -23.74 10.50
CA GLN A 224 -17.07 -25.06 11.06
C GLN A 224 -16.53 -24.89 12.48
N ALA A 225 -16.25 -26.01 13.14
CA ALA A 225 -15.40 -25.99 14.32
C ALA A 225 -13.93 -25.93 13.94
N GLU A 226 -13.60 -26.24 12.69
CA GLU A 226 -12.26 -26.03 12.17
C GLU A 226 -11.85 -24.58 12.29
N ASP A 227 -12.79 -23.66 12.06
CA ASP A 227 -12.51 -22.22 11.99
C ASP A 227 -12.70 -21.57 13.37
N GLU A 228 -11.92 -22.05 14.34
CA GLU A 228 -11.93 -21.51 15.69
C GLU A 228 -10.51 -21.08 16.02
N ALA A 229 -10.27 -19.78 15.99
CA ALA A 229 -8.94 -19.24 16.26
C ALA A 229 -9.06 -17.74 16.47
N ASP A 230 -7.98 -17.15 16.99
CA ASP A 230 -7.87 -15.70 17.06
C ASP A 230 -7.68 -15.12 15.66
N TYR A 231 -8.33 -13.98 15.41
CA TYR A 231 -8.22 -13.28 14.13
C TYR A 231 -7.80 -11.85 14.38
N TYR A 232 -6.77 -11.41 13.67
CA TYR A 232 -6.24 -10.06 13.77
C TYR A 232 -6.34 -9.37 12.41
N CYS A 233 -6.77 -8.11 12.41
CA CYS A 233 -6.81 -7.29 11.21
C CYS A 233 -5.64 -6.33 11.22
N GLN A 234 -4.82 -6.38 10.17
CA GLN A 234 -3.65 -5.52 10.05
C GLN A 234 -3.85 -4.52 8.91
N SER A 235 -3.61 -3.25 9.23
CA SER A 235 -3.66 -2.15 8.27
C SER A 235 -2.62 -1.13 8.67
N ALA A 236 -2.36 -0.19 7.77
CA ALA A 236 -1.27 0.77 7.98
C ALA A 236 -1.83 2.11 8.49
N ASP A 237 -0.90 2.99 8.86
CA ASP A 237 -1.21 4.34 9.29
C ASP A 237 -1.97 5.10 8.20
N SER A 238 -2.53 6.24 8.57
CA SER A 238 -3.07 7.16 7.56
C SER A 238 -1.99 7.53 6.56
N SER A 239 -0.79 7.86 7.06
CA SER A 239 0.34 8.15 6.19
C SER A 239 0.83 6.90 5.47
N GLY A 240 0.46 5.72 5.95
CA GLY A 240 0.98 4.48 5.41
C GLY A 240 2.38 4.14 5.87
N THR A 241 2.96 4.95 6.75
CA THR A 241 4.34 4.71 7.19
C THR A 241 4.41 3.52 8.14
N TYR A 242 3.50 3.45 9.11
CA TYR A 242 3.50 2.41 10.13
C TYR A 242 2.33 1.49 9.87
N VAL A 243 2.51 0.20 10.09
CA VAL A 243 1.35 -0.68 10.08
C VAL A 243 0.91 -0.82 11.53
N VAL A 244 -0.33 -1.26 11.72
CA VAL A 244 -0.89 -1.43 13.05
C VAL A 244 -1.70 -2.72 13.05
N PHE A 245 -1.87 -3.29 14.24
CA PHE A 245 -2.60 -4.54 14.42
C PHE A 245 -3.82 -4.29 15.30
N GLY A 246 -4.84 -5.10 15.08
CA GLY A 246 -5.99 -5.08 15.95
C GLY A 246 -5.71 -5.73 17.28
N GLY A 247 -6.50 -5.34 18.27
CA GLY A 247 -6.36 -5.94 19.59
C GLY A 247 -6.56 -7.44 19.58
N GLY A 248 -7.39 -7.94 18.66
CA GLY A 248 -7.61 -9.36 18.53
C GLY A 248 -9.07 -9.76 18.65
N THR A 249 -9.42 -10.94 18.15
CA THR A 249 -10.78 -11.45 18.26
C THR A 249 -10.71 -12.96 18.42
N LYS A 250 -11.30 -13.48 19.49
CA LYS A 250 -11.40 -14.91 19.72
C LYS A 250 -12.76 -15.37 19.22
N LEU A 251 -12.77 -16.05 18.06
CA LEU A 251 -13.97 -16.70 17.57
C LEU A 251 -13.91 -18.16 17.99
N THR A 252 -14.77 -18.53 18.94
CA THR A 252 -15.00 -19.92 19.30
C THR A 252 -16.42 -20.28 18.92
N VAL A 253 -16.58 -21.41 18.26
CA VAL A 253 -17.89 -21.82 17.76
C VAL A 253 -18.59 -22.61 18.86
N LEU A 254 -19.67 -22.04 19.40
CA LEU A 254 -20.34 -22.63 20.55
C LEU A 254 -21.01 -23.94 20.15
N SER A 255 -20.94 -24.92 21.04
CA SER A 255 -21.47 -26.24 20.75
C SER A 255 -22.98 -26.30 21.01
N ASN B 8 21.10 20.77 -5.73
CA ASN B 8 20.94 22.12 -5.20
C ASN B 8 19.52 22.64 -5.42
N LEU B 9 18.95 22.33 -6.59
CA LEU B 9 17.59 22.74 -6.95
C LEU B 9 16.74 21.52 -7.26
N CYS B 10 15.46 21.60 -6.93
CA CYS B 10 14.54 20.52 -7.24
C CYS B 10 14.30 20.46 -8.75
N PRO B 11 14.23 19.26 -9.32
CA PRO B 11 14.14 19.10 -10.78
C PRO B 11 12.72 19.26 -11.31
N PHE B 12 12.09 20.38 -10.99
CA PHE B 12 10.74 20.65 -11.48
C PHE B 12 10.72 20.78 -12.99
N GLY B 13 11.74 21.42 -13.57
CA GLY B 13 11.79 21.55 -15.02
C GLY B 13 11.85 20.21 -15.72
N GLU B 14 12.55 19.24 -15.12
CA GLU B 14 12.59 17.90 -15.68
C GLU B 14 11.23 17.23 -15.66
N VAL B 15 10.41 17.54 -14.66
CA VAL B 15 9.13 16.83 -14.49
C VAL B 15 8.08 17.37 -15.45
N PHE B 16 7.87 18.70 -15.46
CA PHE B 16 6.90 19.30 -16.37
C PHE B 16 7.36 19.16 -17.81
N ASN B 17 8.44 19.85 -18.15
CA ASN B 17 8.91 19.92 -19.54
C ASN B 17 9.72 18.68 -19.89
N ALA B 18 8.99 17.58 -20.04
CA ALA B 18 9.58 16.30 -20.40
C ALA B 18 9.09 15.87 -21.78
N TPO B 19 9.98 15.21 -22.52
CA TPO B 19 9.69 14.76 -23.87
CB TPO B 19 10.99 14.25 -24.53
CG2 TPO B 19 12.01 15.39 -24.69
OG1 TPO B 19 11.49 13.08 -23.86
P TPO B 19 12.49 13.22 -22.59
O1P TPO B 19 12.09 12.28 -21.52
O2P TPO B 19 13.98 12.83 -23.07
O3P TPO B 19 12.58 14.67 -21.90
C TPO B 19 8.62 13.68 -23.90
O TPO B 19 7.86 13.58 -24.85
N ARG B 20 8.57 12.88 -22.85
CA ARG B 20 7.67 11.75 -22.78
C ARG B 20 6.82 11.78 -21.50
N PHE B 21 5.53 11.48 -21.65
CA PHE B 21 4.62 11.40 -20.50
C PHE B 21 3.93 10.04 -20.49
N ALA B 22 3.74 9.50 -19.30
CA ALA B 22 3.17 8.17 -19.13
C ALA B 22 1.65 8.21 -19.18
N SER B 23 1.07 7.06 -19.51
CA SER B 23 -0.38 6.92 -19.48
C SER B 23 -0.88 6.91 -18.03
N VAL B 24 -2.15 7.27 -17.88
CA VAL B 24 -2.69 7.57 -16.55
C VAL B 24 -2.71 6.32 -15.67
N TYR B 25 -2.82 5.12 -16.26
CA TYR B 25 -2.84 3.93 -15.41
C TYR B 25 -1.46 3.59 -14.88
N ALA B 26 -0.42 3.82 -15.68
CA ALA B 26 0.96 3.58 -15.26
C ALA B 26 1.65 4.88 -14.81
N TRP B 27 0.90 5.77 -14.16
CA TRP B 27 1.37 7.11 -13.86
C TRP B 27 2.72 7.09 -13.15
N ASN B 28 3.68 7.84 -13.71
CA ASN B 28 5.00 7.93 -13.11
C ASN B 28 4.97 8.76 -11.84
N ARG B 29 5.76 8.33 -10.86
CA ARG B 29 5.99 9.05 -9.62
C ARG B 29 7.48 9.27 -9.44
N LYS B 30 7.89 10.51 -9.18
CA LYS B 30 9.29 10.83 -8.95
C LYS B 30 9.43 11.44 -7.57
N ARG B 31 10.21 10.79 -6.70
CA ARG B 31 10.45 11.31 -5.38
C ARG B 31 11.55 12.35 -5.43
N ILE B 32 11.25 13.54 -4.93
CA ILE B 32 12.19 14.66 -4.92
C ILE B 32 12.52 14.97 -3.46
N SER B 33 13.80 15.23 -3.19
CA SER B 33 14.24 15.39 -1.81
C SER B 33 15.60 16.06 -1.78
N ASN B 34 15.87 16.74 -0.67
CA ASN B 34 17.17 17.37 -0.40
C ASN B 34 17.49 18.43 -1.44
N CYS B 35 16.51 19.29 -1.71
CA CYS B 35 16.67 20.34 -2.71
C CYS B 35 15.84 21.55 -2.32
N VAL B 36 16.43 22.73 -2.44
CA VAL B 36 15.67 23.97 -2.26
C VAL B 36 14.74 24.16 -3.45
N ALA B 37 13.50 24.53 -3.17
CA ALA B 37 12.45 24.60 -4.18
C ALA B 37 12.04 26.05 -4.41
N ASP B 38 12.14 26.50 -5.67
CA ASP B 38 11.64 27.80 -6.09
C ASP B 38 10.28 27.57 -6.75
N TYR B 39 9.21 27.88 -6.03
CA TYR B 39 7.87 27.68 -6.54
C TYR B 39 7.36 28.84 -7.40
N SER B 40 8.16 29.87 -7.63
CA SER B 40 7.73 30.97 -8.50
C SER B 40 7.54 30.49 -9.93
N VAL B 41 8.48 29.69 -10.45
CA VAL B 41 8.39 29.20 -11.83
C VAL B 41 7.14 28.36 -12.02
N LEU B 42 6.89 27.42 -11.10
CA LEU B 42 5.70 26.58 -11.19
C LEU B 42 4.42 27.41 -11.05
N TYR B 43 4.36 28.24 -10.00
CA TYR B 43 3.15 29.04 -9.77
C TYR B 43 2.95 30.07 -10.87
N ASN B 44 4.00 30.79 -11.26
CA ASN B 44 3.90 31.88 -12.23
C ASN B 44 4.40 31.43 -13.60
N SER B 45 3.65 30.49 -14.19
CA SER B 45 3.93 29.97 -15.52
C SER B 45 2.69 30.08 -16.38
N ALA B 46 2.91 30.20 -17.69
CA ALA B 46 1.81 30.37 -18.61
C ALA B 46 1.22 29.02 -19.01
N SER B 47 0.01 29.08 -19.57
CA SER B 47 -0.71 27.94 -20.11
C SER B 47 -0.79 26.81 -19.08
N PHE B 48 -1.46 27.11 -17.96
CA PHE B 48 -1.86 26.11 -16.97
C PHE B 48 -3.38 26.13 -16.92
N SER B 49 -4.01 25.25 -17.69
CA SER B 49 -5.46 25.21 -17.76
C SER B 49 -6.06 25.03 -16.38
N THR B 50 -5.47 24.15 -15.56
CA THR B 50 -5.93 23.92 -14.20
C THR B 50 -4.74 24.00 -13.24
N PHE B 51 -4.95 24.63 -12.09
CA PHE B 51 -3.92 24.71 -11.06
C PHE B 51 -4.65 24.95 -9.74
N LYS B 52 -4.81 23.88 -8.96
CA LYS B 52 -5.50 23.96 -7.69
C LYS B 52 -4.64 23.32 -6.61
N CYS B 53 -4.46 24.03 -5.50
CA CYS B 53 -3.78 23.51 -4.33
C CYS B 53 -4.76 23.41 -3.19
N TYR B 54 -4.84 22.23 -2.56
CA TYR B 54 -5.83 21.97 -1.53
C TYR B 54 -5.28 22.09 -0.12
N GLY B 55 -4.15 21.44 0.16
CA GLY B 55 -3.66 21.40 1.54
C GLY B 55 -3.12 22.72 2.04
N VAL B 56 -2.34 23.42 1.23
CA VAL B 56 -1.62 24.61 1.65
C VAL B 56 -1.82 25.70 0.59
N SER B 57 -1.60 26.96 1.01
CA SER B 57 -1.83 28.10 0.13
C SER B 57 -0.69 28.24 -0.88
N PRO B 58 -1.02 28.52 -2.15
CA PRO B 58 0.04 28.73 -3.14
C PRO B 58 0.85 29.99 -2.88
N THR B 59 0.23 31.02 -2.30
CA THR B 59 0.96 32.22 -1.92
C THR B 59 2.08 31.87 -0.94
N LYS B 60 1.73 31.24 0.18
CA LYS B 60 2.71 30.81 1.18
C LYS B 60 3.41 29.51 0.79
N LEU B 61 3.10 28.94 -0.37
CA LEU B 61 3.71 27.68 -0.79
C LEU B 61 5.23 27.78 -0.81
N ASN B 62 5.76 28.89 -1.34
CA ASN B 62 7.20 29.00 -1.57
C ASN B 62 8.01 28.93 -0.27
N ASP B 63 7.44 29.39 0.84
CA ASP B 63 8.14 29.45 2.10
C ASP B 63 7.88 28.23 3.00
N LEU B 64 7.07 27.28 2.55
CA LEU B 64 6.78 26.07 3.32
C LEU B 64 7.94 25.08 3.22
N CYS B 65 7.98 24.15 4.18
CA CYS B 65 9.06 23.18 4.30
C CYS B 65 8.52 21.81 4.67
N PHE B 66 8.96 20.78 3.95
CA PHE B 66 8.42 19.43 4.12
C PHE B 66 9.54 18.41 4.20
N THR B 67 9.17 17.23 4.68
CA THR B 67 10.07 16.09 4.68
C THR B 67 10.38 15.65 3.26
N ASN B 68 9.34 15.25 2.53
CA ASN B 68 9.51 14.71 1.18
C ASN B 68 8.36 15.17 0.30
N VAL B 69 8.66 15.33 -1.00
CA VAL B 69 7.67 15.74 -1.99
C VAL B 69 7.74 14.79 -3.18
N TYR B 70 6.58 14.37 -3.65
CA TYR B 70 6.46 13.46 -4.79
C TYR B 70 5.77 14.18 -5.94
N ALA B 71 6.23 13.93 -7.17
CA ALA B 71 5.64 14.49 -8.38
C ALA B 71 5.09 13.36 -9.24
N ASP B 72 3.78 13.23 -9.28
CA ASP B 72 3.09 12.24 -10.11
C ASP B 72 2.63 12.90 -11.40
N SER B 73 2.90 12.27 -12.53
CA SER B 73 2.63 12.87 -13.84
C SER B 73 2.14 11.83 -14.83
N PHE B 74 1.15 12.21 -15.62
CA PHE B 74 0.41 11.32 -16.50
C PHE B 74 -0.41 12.18 -17.46
N VAL B 75 -1.15 11.53 -18.34
CA VAL B 75 -1.93 12.21 -19.37
C VAL B 75 -3.35 11.64 -19.39
N ILE B 76 -4.34 12.53 -19.41
CA ILE B 76 -5.76 12.18 -19.45
C ILE B 76 -6.47 13.09 -20.43
N ARG B 77 -7.79 12.92 -20.54
CA ARG B 77 -8.61 13.78 -21.39
C ARG B 77 -8.94 15.10 -20.69
N GLY B 78 -9.60 15.97 -21.45
CA GLY B 78 -9.92 17.29 -20.92
C GLY B 78 -11.13 17.25 -19.99
N ASP B 79 -12.09 16.37 -20.28
CA ASP B 79 -13.26 16.26 -19.42
C ASP B 79 -12.92 15.55 -18.11
N GLU B 80 -11.77 14.88 -18.03
CA GLU B 80 -11.40 14.10 -16.86
C GLU B 80 -10.54 14.87 -15.88
N VAL B 81 -10.17 16.12 -16.19
CA VAL B 81 -9.32 16.89 -15.29
C VAL B 81 -10.04 17.16 -13.97
N ARG B 82 -11.37 17.24 -14.00
CA ARG B 82 -12.10 17.57 -12.78
C ARG B 82 -12.07 16.42 -11.79
N GLN B 83 -11.89 15.19 -12.26
CA GLN B 83 -11.91 14.03 -11.39
C GLN B 83 -10.68 13.90 -10.51
N ILE B 84 -9.61 14.66 -10.80
CA ILE B 84 -8.35 14.44 -10.10
C ILE B 84 -8.43 14.96 -8.67
N ALA B 85 -9.37 15.86 -8.38
CA ALA B 85 -9.52 16.41 -7.04
C ALA B 85 -9.80 15.32 -6.01
N PRO B 86 -9.56 15.61 -4.73
CA PRO B 86 -9.88 14.63 -3.69
C PRO B 86 -11.38 14.41 -3.58
N GLY B 87 -11.74 13.24 -3.07
CA GLY B 87 -13.13 12.88 -2.86
C GLY B 87 -13.98 12.97 -4.11
N GLN B 88 -13.46 12.44 -5.22
CA GLN B 88 -14.16 12.44 -6.49
C GLN B 88 -14.29 11.01 -6.99
N THR B 89 -15.21 10.82 -7.94
CA THR B 89 -15.54 9.51 -8.45
C THR B 89 -15.59 9.56 -9.98
N GLY B 90 -15.37 8.39 -10.57
CA GLY B 90 -15.32 8.27 -12.02
C GLY B 90 -14.60 6.99 -12.40
N LYS B 91 -14.31 6.87 -13.69
CA LYS B 91 -13.50 5.76 -14.17
C LYS B 91 -12.01 5.99 -13.98
N ILE B 92 -11.60 7.21 -13.66
CA ILE B 92 -10.22 7.51 -13.34
C ILE B 92 -9.99 7.58 -11.84
N ALA B 93 -10.86 8.34 -11.14
CA ALA B 93 -10.69 8.52 -9.71
C ALA B 93 -10.83 7.22 -8.93
N ASP B 94 -11.42 6.19 -9.53
CA ASP B 94 -11.65 4.91 -8.89
C ASP B 94 -10.75 3.79 -9.42
N TYR B 95 -10.55 3.72 -10.72
CA TYR B 95 -9.79 2.62 -11.31
C TYR B 95 -8.38 3.01 -11.78
N ASN B 96 -7.98 4.26 -11.61
CA ASN B 96 -6.70 4.67 -12.18
C ASN B 96 -5.84 5.45 -11.19
N TYR B 97 -6.32 6.58 -10.70
CA TYR B 97 -5.50 7.44 -9.85
C TYR B 97 -6.39 8.13 -8.84
N LYS B 98 -6.10 7.94 -7.56
CA LYS B 98 -6.95 8.38 -6.47
C LYS B 98 -6.15 9.20 -5.48
N LEU B 99 -6.76 10.30 -4.99
CA LEU B 99 -6.16 11.15 -3.97
C LEU B 99 -6.98 11.08 -2.68
N PRO B 100 -6.32 11.12 -1.52
CA PRO B 100 -7.07 11.11 -0.25
C PRO B 100 -7.73 12.45 0.02
N ASP B 101 -8.69 12.42 0.94
CA ASP B 101 -9.34 13.66 1.35
C ASP B 101 -8.50 14.48 2.32
N ASP B 102 -7.48 13.88 2.93
CA ASP B 102 -6.45 14.63 3.63
C ASP B 102 -5.31 15.04 2.70
N PHE B 103 -5.64 15.35 1.45
CA PHE B 103 -4.63 15.75 0.48
C PHE B 103 -3.92 17.04 0.88
N THR B 104 -2.60 16.99 0.90
CA THR B 104 -1.76 18.17 1.00
C THR B 104 -0.96 18.28 -0.30
N GLY B 105 -1.25 19.31 -1.08
CA GLY B 105 -0.48 19.46 -2.32
C GLY B 105 -1.25 20.26 -3.36
N CYS B 106 -0.89 20.02 -4.61
CA CYS B 106 -1.40 20.78 -5.74
C CYS B 106 -1.64 19.85 -6.91
N VAL B 107 -2.52 20.29 -7.82
CA VAL B 107 -2.74 19.64 -9.09
C VAL B 107 -2.61 20.67 -10.21
N ILE B 108 -1.78 20.35 -11.21
CA ILE B 108 -1.49 21.25 -12.31
C ILE B 108 -1.71 20.50 -13.61
N ALA B 109 -2.40 21.13 -14.56
CA ALA B 109 -2.67 20.53 -15.86
C ALA B 109 -2.60 21.58 -16.95
N TRP B 110 -2.33 21.12 -18.18
CA TRP B 110 -2.23 22.01 -19.33
C TRP B 110 -2.57 21.25 -20.60
N ASN B 111 -2.93 22.01 -21.63
CA ASN B 111 -3.40 21.44 -22.89
C ASN B 111 -2.21 20.98 -23.71
N SER B 112 -2.19 19.70 -24.08
CA SER B 112 -1.06 19.10 -24.77
C SER B 112 -1.43 18.59 -26.16
N ASN B 113 -2.36 19.27 -26.84
CA ASN B 113 -2.92 18.73 -28.07
C ASN B 113 -1.90 18.66 -29.20
N ASN B 114 -0.89 19.54 -29.17
CA ASN B 114 0.14 19.50 -30.21
C ASN B 114 1.03 18.27 -30.04
N LEU B 115 1.38 17.95 -28.80
CA LEU B 115 2.40 16.93 -28.55
C LEU B 115 1.82 15.52 -28.62
N ASP B 116 0.67 15.29 -27.98
CA ASP B 116 0.19 13.94 -27.72
C ASP B 116 -0.95 13.51 -28.64
N SER B 117 -1.24 14.26 -29.70
CA SER B 117 -2.30 13.90 -30.64
C SER B 117 -1.71 13.74 -32.04
N LYS B 118 -1.76 12.52 -32.55
CA LYS B 118 -1.33 12.22 -33.91
C LYS B 118 -2.55 12.15 -34.84
N VAL B 119 -2.39 12.69 -36.04
CA VAL B 119 -3.42 12.51 -37.06
C VAL B 119 -3.59 11.02 -37.32
N GLY B 120 -4.85 10.56 -37.30
CA GLY B 120 -5.15 9.15 -37.42
C GLY B 120 -5.36 8.44 -36.11
N GLY B 121 -5.22 9.13 -34.99
CA GLY B 121 -5.44 8.54 -33.69
C GLY B 121 -4.16 8.18 -32.96
N ASN B 122 -3.98 8.72 -31.76
CA ASN B 122 -2.90 8.30 -30.87
C ASN B 122 -3.44 7.18 -29.98
N TYR B 123 -3.07 5.95 -30.30
CA TYR B 123 -3.47 4.79 -29.53
C TYR B 123 -2.36 4.34 -28.57
N ASN B 124 -1.39 5.22 -28.31
CA ASN B 124 -0.30 4.98 -27.38
C ASN B 124 -0.60 5.51 -25.98
N TYR B 125 -1.81 6.00 -25.73
CA TYR B 125 -2.19 6.54 -24.43
C TYR B 125 -3.45 5.84 -23.97
N LEU B 126 -3.38 5.19 -22.80
CA LEU B 126 -4.47 4.36 -22.32
C LEU B 126 -4.87 4.75 -20.90
N TYR B 127 -6.04 4.25 -20.52
CA TYR B 127 -6.58 4.36 -19.17
C TYR B 127 -7.30 3.05 -18.85
N ARG B 128 -7.51 2.80 -17.55
CA ARG B 128 -8.21 1.59 -17.13
C ARG B 128 -9.71 1.86 -17.09
N LEU B 129 -10.46 0.99 -17.77
CA LEU B 129 -11.91 1.10 -17.89
C LEU B 129 -12.64 0.19 -16.91
N PHE B 130 -12.22 -1.06 -16.77
CA PHE B 130 -12.91 -2.06 -15.97
C PHE B 130 -12.00 -2.62 -14.89
N ARG B 131 -12.57 -2.83 -13.71
CA ARG B 131 -11.85 -3.31 -12.54
C ARG B 131 -12.89 -3.67 -11.48
N LYS B 132 -12.57 -4.64 -10.64
CA LYS B 132 -13.53 -5.17 -9.68
C LYS B 132 -13.49 -4.47 -8.33
N SER B 133 -12.66 -3.44 -8.16
CA SER B 133 -12.59 -2.73 -6.89
C SER B 133 -11.87 -1.40 -7.09
N ASN B 134 -12.43 -0.34 -6.49
CA ASN B 134 -11.69 0.90 -6.33
C ASN B 134 -10.35 0.64 -5.68
N LEU B 135 -9.31 1.30 -6.17
CA LEU B 135 -8.04 1.22 -5.47
C LEU B 135 -7.97 2.28 -4.39
N LYS B 136 -7.00 2.14 -3.49
CA LYS B 136 -6.77 3.13 -2.47
C LYS B 136 -5.90 4.25 -3.02
N PRO B 137 -5.86 5.41 -2.34
CA PRO B 137 -5.10 6.54 -2.88
C PRO B 137 -3.65 6.17 -3.18
N PHE B 138 -3.12 6.80 -4.23
CA PHE B 138 -1.71 6.70 -4.61
C PHE B 138 -1.28 5.26 -4.91
N GLU B 139 -2.22 4.45 -5.39
CA GLU B 139 -1.95 3.07 -5.78
C GLU B 139 -2.09 2.96 -7.29
N ARG B 140 -1.25 2.12 -7.88
CA ARG B 140 -1.16 2.00 -9.33
C ARG B 140 -1.19 0.54 -9.74
N ASP B 141 -2.08 0.20 -10.66
CA ASP B 141 -2.27 -1.16 -11.17
C ASP B 141 -1.95 -1.16 -12.65
N ILE B 142 -0.93 -1.93 -13.03
CA ILE B 142 -0.49 -2.06 -14.42
C ILE B 142 -0.95 -3.36 -15.06
N SER B 143 -1.71 -4.18 -14.34
CA SER B 143 -2.03 -5.52 -14.80
C SER B 143 -2.90 -5.50 -16.06
N THR B 144 -2.84 -6.61 -16.81
CA THR B 144 -3.66 -6.81 -18.00
C THR B 144 -4.58 -8.02 -17.85
N GLU B 145 -4.77 -8.53 -16.63
CA GLU B 145 -5.64 -9.68 -16.42
C GLU B 145 -7.08 -9.32 -16.81
N ILE B 146 -7.72 -10.22 -17.55
CA ILE B 146 -9.01 -9.92 -18.15
C ILE B 146 -10.08 -9.81 -17.06
N TYR B 147 -10.98 -8.85 -17.22
CA TYR B 147 -12.10 -8.63 -16.31
C TYR B 147 -13.20 -9.65 -16.61
N GLN B 148 -13.56 -10.45 -15.61
CA GLN B 148 -14.55 -11.52 -15.76
C GLN B 148 -15.91 -10.99 -15.36
N ALA B 149 -16.75 -10.69 -16.35
CA ALA B 149 -18.10 -10.17 -16.11
C ALA B 149 -19.09 -11.34 -16.07
N GLY B 150 -19.07 -12.10 -14.97
CA GLY B 150 -20.07 -13.12 -14.81
C GLY B 150 -19.61 -14.56 -14.78
N SER B 151 -20.51 -15.44 -15.21
CA SER B 151 -20.37 -16.86 -14.91
C SER B 151 -19.19 -17.47 -15.65
N THR B 152 -19.07 -17.18 -16.94
CA THR B 152 -18.01 -17.78 -17.73
C THR B 152 -16.65 -17.31 -17.24
N PRO B 153 -15.76 -18.21 -16.83
CA PRO B 153 -14.39 -17.79 -16.54
C PRO B 153 -13.69 -17.37 -17.82
N CYS B 154 -13.01 -16.23 -17.77
CA CYS B 154 -12.41 -15.67 -18.96
C CYS B 154 -11.29 -16.56 -19.49
N ASN B 155 -10.28 -16.82 -18.66
CA ASN B 155 -9.19 -17.72 -18.99
C ASN B 155 -8.40 -17.20 -20.18
N GLY B 156 -8.11 -15.91 -20.15
CA GLY B 156 -7.24 -15.29 -21.14
C GLY B 156 -7.85 -15.06 -22.49
N VAL B 157 -9.13 -15.41 -22.70
CA VAL B 157 -9.80 -15.25 -23.98
C VAL B 157 -10.85 -14.15 -23.84
N GLU B 158 -10.77 -13.13 -24.69
CA GLU B 158 -11.68 -12.00 -24.63
C GLU B 158 -12.95 -12.27 -25.45
N GLY B 159 -13.92 -11.38 -25.29
CA GLY B 159 -15.24 -11.61 -25.84
C GLY B 159 -16.09 -12.42 -24.88
N PHE B 160 -17.32 -12.70 -25.30
CA PHE B 160 -18.25 -13.56 -24.56
C PHE B 160 -18.35 -13.14 -23.09
N ASN B 161 -18.61 -11.85 -22.87
CA ASN B 161 -18.68 -11.23 -21.54
C ASN B 161 -17.31 -11.17 -20.85
N CYS B 162 -16.24 -11.14 -21.65
CA CYS B 162 -14.87 -10.95 -21.16
C CYS B 162 -14.16 -9.93 -22.03
N TYR B 163 -13.62 -8.87 -21.41
CA TYR B 163 -12.90 -7.85 -22.14
C TYR B 163 -11.52 -7.61 -21.56
N PHE B 164 -10.61 -7.24 -22.44
CA PHE B 164 -9.34 -6.65 -22.06
C PHE B 164 -9.62 -5.38 -21.25
N PRO B 165 -8.92 -5.13 -20.15
CA PRO B 165 -9.36 -4.12 -19.19
C PRO B 165 -8.88 -2.69 -19.46
N LEU B 166 -8.08 -2.44 -20.49
CA LEU B 166 -7.60 -1.10 -20.77
C LEU B 166 -8.15 -0.60 -22.10
N GLN B 167 -8.56 0.66 -22.13
CA GLN B 167 -9.05 1.32 -23.34
C GLN B 167 -8.10 2.42 -23.76
N SER B 168 -8.00 2.63 -25.07
CA SER B 168 -7.09 3.63 -25.61
C SER B 168 -7.83 4.94 -25.80
N TYR B 169 -7.23 6.03 -25.31
CA TYR B 169 -7.84 7.34 -25.41
C TYR B 169 -8.18 7.70 -26.85
N GLY B 170 -7.25 7.44 -27.77
CA GLY B 170 -7.49 7.71 -29.18
C GLY B 170 -7.54 9.18 -29.54
N PHE B 171 -6.54 9.94 -29.12
CA PHE B 171 -6.49 11.36 -29.40
C PHE B 171 -6.34 11.64 -30.89
N GLN B 172 -6.99 12.72 -31.33
CA GLN B 172 -6.87 13.24 -32.67
C GLN B 172 -6.80 14.75 -32.56
N PRO B 173 -6.18 15.43 -33.53
CA PRO B 173 -6.12 16.90 -33.45
C PRO B 173 -7.48 17.55 -33.57
N THR B 174 -8.36 16.98 -34.39
CA THR B 174 -9.67 17.57 -34.68
C THR B 174 -10.71 17.10 -33.66
N ASN B 175 -10.44 17.44 -32.40
CA ASN B 175 -11.30 17.05 -31.29
C ASN B 175 -11.61 18.28 -30.45
N GLY B 176 -12.81 18.28 -29.88
CA GLY B 176 -13.17 19.32 -28.94
C GLY B 176 -12.24 19.32 -27.75
N VAL B 177 -12.14 20.49 -27.10
CA VAL B 177 -11.17 20.66 -26.02
C VAL B 177 -11.38 19.61 -24.92
N GLY B 178 -12.64 19.28 -24.63
CA GLY B 178 -12.90 18.30 -23.59
C GLY B 178 -12.38 16.92 -23.92
N TYR B 179 -12.33 16.58 -25.21
CA TYR B 179 -11.82 15.29 -25.64
C TYR B 179 -10.35 15.36 -26.07
N GLN B 180 -9.70 16.51 -25.86
CA GLN B 180 -8.28 16.69 -26.14
C GLN B 180 -7.44 16.24 -24.96
N PRO B 181 -6.23 15.76 -25.21
CA PRO B 181 -5.36 15.33 -24.12
C PRO B 181 -4.83 16.49 -23.29
N TYR B 182 -4.68 16.24 -21.99
CA TYR B 182 -4.10 17.19 -21.07
C TYR B 182 -2.99 16.51 -20.28
N ARG B 183 -1.96 17.28 -19.96
CA ARG B 183 -0.82 16.79 -19.21
C ARG B 183 -0.94 17.22 -17.76
N VAL B 184 -1.00 16.24 -16.87
CA VAL B 184 -1.31 16.47 -15.46
C VAL B 184 -0.07 16.16 -14.62
N VAL B 185 0.25 17.06 -13.70
CA VAL B 185 1.28 16.84 -12.70
C VAL B 185 0.67 17.09 -11.33
N VAL B 186 0.72 16.07 -10.47
CA VAL B 186 0.21 16.14 -9.11
C VAL B 186 1.39 16.20 -8.17
N LEU B 187 1.40 17.18 -7.27
CA LEU B 187 2.47 17.36 -6.31
C LEU B 187 1.93 17.08 -4.91
N SER B 188 2.56 16.14 -4.21
CA SER B 188 2.16 15.75 -2.87
C SER B 188 3.30 15.99 -1.89
N PHE B 189 2.96 16.51 -0.71
CA PHE B 189 3.93 16.91 0.30
C PHE B 189 3.80 15.92 1.45
N GLU B 190 4.85 15.12 1.68
CA GLU B 190 4.67 13.95 2.55
C GLU B 190 4.65 14.32 4.03
N LEU B 191 5.42 15.32 4.44
CA LEU B 191 5.34 15.87 5.80
C LEU B 191 5.44 14.77 6.86
N LEU B 192 6.47 13.93 6.73
CA LEU B 192 6.62 12.79 7.62
C LEU B 192 7.32 13.18 8.92
N HIS B 193 7.25 12.28 9.91
CA HIS B 193 7.85 12.49 11.22
C HIS B 193 9.33 12.15 11.16
N ALA B 194 10.09 13.05 10.55
CA ALA B 194 11.49 12.82 10.20
C ALA B 194 12.17 14.17 9.99
N PRO B 195 13.48 14.23 9.70
CA PRO B 195 14.10 15.53 9.39
C PRO B 195 13.59 16.09 8.05
N ALA B 196 13.25 17.37 8.06
CA ALA B 196 12.80 18.06 6.85
C ALA B 196 13.97 18.31 5.92
N THR B 197 13.70 18.30 4.61
CA THR B 197 14.81 18.34 3.66
C THR B 197 14.60 19.34 2.52
N VAL B 198 13.35 19.67 2.15
CA VAL B 198 13.08 20.57 1.04
C VAL B 198 12.22 21.74 1.52
N CYS B 199 12.62 22.94 1.13
CA CYS B 199 11.85 24.18 1.28
C CYS B 199 12.54 25.30 0.51
N GLY B 200 11.94 26.48 0.57
CA GLY B 200 12.39 27.61 -0.21
C GLY B 200 13.64 28.28 0.31
C1 NAG C . 9.85 22.80 -23.01
C2 NAG C . 8.62 22.83 -23.91
C3 NAG C . 9.04 23.20 -25.31
C4 NAG C . 9.61 24.61 -25.27
C5 NAG C . 10.85 24.59 -24.34
C6 NAG C . 11.45 25.95 -24.05
C7 NAG C . 8.17 20.44 -24.45
C8 NAG C . 7.20 19.31 -24.25
N2 NAG C . 7.84 21.60 -23.86
O3 NAG C . 8.06 22.88 -26.29
O4 NAG C . 9.94 25.13 -26.55
O5 NAG C . 10.51 24.07 -23.06
O6 NAG C . 10.46 26.78 -23.48
O7 NAG C . 9.20 20.30 -25.10
C1 NAG C . 9.64 26.55 -26.62
C2 NAG C . 9.99 27.04 -28.05
C3 NAG C . 9.47 28.47 -28.31
C4 NAG C . 8.07 28.70 -27.76
C5 NAG C . 8.06 28.27 -26.31
C6 NAG C . 6.76 28.53 -25.59
C7 NAG C . 12.13 26.02 -28.78
C8 NAG C . 13.63 26.18 -28.77
N2 NAG C . 11.45 27.01 -28.19
O3 NAG C . 9.48 28.70 -29.72
O4 NAG C . 7.70 30.07 -27.87
O5 NAG C . 8.27 26.87 -26.31
O6 NAG C . 6.80 28.06 -24.25
O7 NAG C . 11.59 25.05 -29.28
C1 BMA C . 6.64 30.27 -28.85
C2 BMA C . 5.27 30.28 -28.08
C3 BMA C . 4.15 30.87 -28.93
C4 BMA C . 4.61 32.18 -29.55
C5 BMA C . 5.81 31.91 -30.43
C6 BMA C . 6.29 33.16 -31.16
O2 BMA C . 5.34 31.08 -26.90
O3 BMA C . 2.96 31.07 -28.15
O4 BMA C . 3.57 32.73 -30.33
O5 BMA C . 6.89 31.46 -29.60
O6 BMA C . 6.41 32.84 -32.54
C1 FUC C . 7.26 23.88 -26.92
C2 FUC C . 6.77 23.19 -28.28
C3 FUC C . 5.26 23.35 -28.55
C4 FUC C . 4.83 24.72 -28.10
C5 FUC C . 4.92 24.73 -26.56
C6 FUC C . 4.56 26.09 -25.96
O2 FUC C . 7.17 21.81 -28.38
O3 FUC C . 4.93 23.21 -29.96
O4 FUC C . 5.65 25.74 -28.69
O5 FUC C . 6.23 24.36 -26.03
C1 FUC C . 10.95 27.40 -22.27
C2 FUC C . 9.96 28.56 -21.98
C3 FUC C . 8.62 28.03 -21.45
C4 FUC C . 8.84 27.13 -20.24
C5 FUC C . 9.81 25.99 -20.60
C6 FUC C . 10.20 25.16 -19.38
O2 FUC C . 9.72 29.35 -23.14
O3 FUC C . 7.79 29.12 -21.05
O4 FUC C . 9.36 27.89 -19.17
O5 FUC C . 11.05 26.48 -21.19
#